data_6YP4
#
_entry.id   6YP4
#
_cell.length_a   59.808
_cell.length_b   59.808
_cell.length_c   146.982
_cell.angle_alpha   90.000
_cell.angle_beta   90.000
_cell.angle_gamma   90.000
#
_symmetry.space_group_name_H-M   'P 41 21 2'
#
loop_
_entity.id
_entity.type
_entity.pdbx_description
1 polymer 'Adenylate cyclase'
2 non-polymer 'PHOSPHOMETHYLPHOSPHONIC ACID GUANYLATE ESTER'
3 non-polymer 'MAGNESIUM ION'
4 non-polymer 'CHLORIDE ION'
5 non-polymer 1,2-ETHANEDIOL
6 water water
#
_entity_poly.entity_id   1
_entity_poly.type   'polypeptide(L)'
_entity_poly.pdbx_seq_one_letter_code
;MEIEIKLRLPSPSAHQLLSDALSPFHLKTHLQHNLFFDTAAGDLASVFSALRIRFYDANAKCVLSLKSRPKLSEGVSHVE
EDEEEIDPQIGQEVTANPSKMGSLLEKSRIWRRVVDEIGVADDGGEFVCLGGFRNVRAVYRWVEGLILELDETEYGFGTS
YEIECETTEPERVKGLLEGFLKEKGIPYEYSGASKFAVFRSGKLLPLEHHHHHH
;
_entity_poly.pdbx_strand_id   A
#
loop_
_chem_comp.id
_chem_comp.type
_chem_comp.name
_chem_comp.formula
CL non-polymer 'CHLORIDE ION' 'Cl -1'
EDO non-polymer 1,2-ETHANEDIOL 'C2 H6 O2'
GCP non-polymer 'PHOSPHOMETHYLPHOSPHONIC ACID GUANYLATE ESTER' 'C11 H18 N5 O13 P3'
MG non-polymer 'MAGNESIUM ION' 'Mg 2'
#
# COMPACT_ATOMS: atom_id res chain seq x y z
N MET A 1 -3.25 13.62 6.93
CA MET A 1 -3.48 13.36 5.51
C MET A 1 -2.19 12.94 4.84
N GLU A 2 -2.22 11.79 4.16
N GLU A 2 -2.21 11.85 4.09
CA GLU A 2 -1.05 11.24 3.48
CA GLU A 2 -1.03 11.27 3.49
C GLU A 2 -1.17 11.54 1.98
C GLU A 2 -1.10 11.44 1.98
N ILE A 3 -0.16 12.20 1.42
CA ILE A 3 -0.14 12.61 0.02
C ILE A 3 0.99 11.90 -0.71
N GLU A 4 0.65 11.21 -1.80
CA GLU A 4 1.62 10.47 -2.61
CA GLU A 4 1.64 10.51 -2.61
C GLU A 4 1.37 10.74 -4.08
N ILE A 5 2.44 10.76 -4.85
CA ILE A 5 2.38 10.68 -6.30
C ILE A 5 2.38 9.20 -6.65
N LYS A 6 1.56 8.78 -7.63
CA LYS A 6 1.48 7.36 -7.97
C LYS A 6 1.39 7.22 -9.49
N LEU A 7 2.44 6.68 -10.09
CA LEU A 7 2.52 6.46 -11.54
C LEU A 7 2.64 4.97 -11.82
N ARG A 8 2.00 4.50 -12.88
CA ARG A 8 2.04 3.08 -13.22
C ARG A 8 2.97 2.87 -14.42
N LEU A 9 3.85 1.84 -14.33
CA LEU A 9 4.64 1.44 -15.49
C LEU A 9 3.92 0.32 -16.26
N PRO A 10 4.03 0.31 -17.59
CA PRO A 10 3.25 -0.67 -18.39
C PRO A 10 3.79 -2.09 -18.43
N SER A 11 5.05 -2.36 -18.11
CA SER A 11 5.65 -3.59 -18.59
C SER A 11 6.85 -3.93 -17.75
N PRO A 12 7.28 -5.19 -17.77
CA PRO A 12 8.57 -5.56 -17.17
C PRO A 12 9.75 -4.76 -17.71
N SER A 13 9.79 -4.53 -19.01
CA SER A 13 10.93 -3.83 -19.59
C SER A 13 10.99 -2.39 -19.08
N ALA A 14 9.84 -1.73 -18.92
CA ALA A 14 9.89 -0.39 -18.37
C ALA A 14 10.40 -0.42 -16.94
N HIS A 15 9.95 -1.41 -16.15
CA HIS A 15 10.39 -1.54 -14.76
C HIS A 15 11.89 -1.79 -14.69
N GLN A 16 12.40 -2.68 -15.55
CA GLN A 16 13.84 -2.94 -15.64
C GLN A 16 14.61 -1.65 -15.91
N LEU A 17 14.24 -0.92 -16.97
CA LEU A 17 15.06 0.24 -17.34
C LEU A 17 14.95 1.36 -16.29
N LEU A 18 13.78 1.55 -15.66
CA LEU A 18 13.72 2.53 -14.58
C LEU A 18 14.55 2.09 -13.38
N SER A 19 14.53 0.79 -13.06
CA SER A 19 15.32 0.25 -11.98
C SER A 19 16.81 0.56 -12.19
N ASP A 20 17.30 0.35 -13.42
CA ASP A 20 18.67 0.68 -13.77
C ASP A 20 18.94 2.17 -13.67
N ALA A 21 17.98 3.00 -14.12
CA ALA A 21 18.18 4.44 -14.07
C ALA A 21 18.31 4.96 -12.64
N LEU A 22 17.65 4.32 -11.68
CA LEU A 22 17.67 4.79 -10.29
C LEU A 22 18.70 4.09 -9.42
N SER A 23 19.41 3.07 -9.94
CA SER A 23 20.36 2.27 -9.16
C SER A 23 21.42 3.11 -8.42
N PRO A 24 21.87 4.26 -8.94
CA PRO A 24 22.77 5.10 -8.13
C PRO A 24 22.12 5.64 -6.88
N PHE A 25 20.80 5.53 -6.71
CA PHE A 25 20.12 6.10 -5.56
C PHE A 25 19.56 5.03 -4.63
N HIS A 26 19.93 3.78 -4.84
CA HIS A 26 19.28 2.67 -4.16
C HIS A 26 19.60 2.66 -2.68
N LEU A 27 18.56 2.56 -1.86
CA LEU A 27 18.68 2.45 -0.41
C LEU A 27 18.40 1.05 0.12
N LYS A 28 17.35 0.38 -0.35
CA LYS A 28 17.04 -0.95 0.15
C LYS A 28 15.98 -1.57 -0.75
N THR A 29 15.88 -2.90 -0.68
CA THR A 29 14.81 -3.65 -1.36
C THR A 29 14.31 -4.71 -0.40
N HIS A 30 12.99 -4.80 -0.22
CA HIS A 30 12.39 -5.77 0.69
C HIS A 30 11.13 -6.39 0.09
N LEU A 31 10.82 -7.58 0.59
CA LEU A 31 9.63 -8.35 0.24
C LEU A 31 8.53 -8.10 1.26
N GLN A 32 7.31 -7.80 0.77
CA GLN A 32 6.15 -7.57 1.61
C GLN A 32 5.06 -8.58 1.27
N HIS A 33 4.40 -9.12 2.29
CA HIS A 33 3.12 -9.81 2.11
C HIS A 33 2.04 -9.02 2.85
N ASN A 34 1.03 -8.56 2.11
CA ASN A 34 -0.04 -7.72 2.63
C ASN A 34 -1.28 -8.58 2.84
N LEU A 35 -1.80 -8.62 4.07
CA LEU A 35 -3.06 -9.31 4.34
C LEU A 35 -4.12 -8.32 4.86
N PHE A 36 -5.38 -8.60 4.56
CA PHE A 36 -6.47 -7.67 4.87
C PHE A 36 -7.61 -8.37 5.61
N PHE A 37 -8.34 -7.58 6.39
CA PHE A 37 -9.32 -8.06 7.34
C PHE A 37 -10.52 -7.14 7.38
N ASP A 38 -11.69 -7.70 7.70
CA ASP A 38 -12.96 -6.97 7.77
C ASP A 38 -13.96 -7.87 8.48
N THR A 39 -15.11 -7.31 8.81
CA THR A 39 -16.22 -8.12 9.29
C THR A 39 -16.76 -8.98 8.15
N ALA A 40 -17.49 -10.04 8.54
CA ALA A 40 -18.13 -10.88 7.54
C ALA A 40 -19.08 -10.06 6.68
N ALA A 41 -19.80 -9.10 7.28
CA ALA A 41 -20.72 -8.23 6.56
C ALA A 41 -20.04 -7.07 5.85
N GLY A 42 -18.73 -6.94 5.97
CA GLY A 42 -18.01 -5.88 5.28
C GLY A 42 -18.24 -4.48 5.82
N ASP A 43 -18.26 -4.32 7.15
CA ASP A 43 -18.57 -3.01 7.71
C ASP A 43 -17.50 -1.99 7.38
N LEU A 44 -16.21 -2.37 7.40
CA LEU A 44 -15.17 -1.41 7.04
C LEU A 44 -15.24 -1.03 5.57
N ALA A 45 -15.44 -2.02 4.69
CA ALA A 45 -15.58 -1.71 3.27
C ALA A 45 -16.72 -0.72 3.04
N SER A 46 -17.81 -0.84 3.80
CA SER A 46 -18.96 0.04 3.65
C SER A 46 -18.65 1.48 4.01
N VAL A 47 -17.66 1.73 4.87
CA VAL A 47 -17.26 3.08 5.20
C VAL A 47 -15.93 3.44 4.54
N PHE A 48 -15.52 2.67 3.52
CA PHE A 48 -14.39 3.02 2.66
C PHE A 48 -13.05 2.90 3.39
N SER A 49 -12.91 1.84 4.19
CA SER A 49 -11.77 1.66 5.05
C SER A 49 -11.14 0.30 4.79
N ALA A 50 -9.82 0.25 4.97
CA ALA A 50 -9.01 -0.93 4.69
C ALA A 50 -8.11 -1.19 5.90
N LEU A 51 -8.18 -2.40 6.45
CA LEU A 51 -7.35 -2.80 7.59
C LEU A 51 -6.36 -3.86 7.10
N ARG A 52 -5.07 -3.52 7.14
CA ARG A 52 -3.99 -4.31 6.56
C ARG A 52 -2.99 -4.71 7.63
N ILE A 53 -2.56 -5.98 7.60
CA ILE A 53 -1.38 -6.43 8.33
C ILE A 53 -0.32 -6.81 7.29
N ARG A 54 0.80 -6.10 7.32
CA ARG A 54 1.88 -6.32 6.36
C ARG A 54 3.06 -7.00 7.03
N PHE A 55 3.55 -8.08 6.42
CA PHE A 55 4.73 -8.79 6.88
C PHE A 55 5.90 -8.50 5.94
N TYR A 56 7.06 -8.17 6.51
CA TYR A 56 8.28 -7.91 5.73
C TYR A 56 9.18 -9.14 5.78
N ASP A 57 9.68 -9.54 4.61
CA ASP A 57 10.67 -10.62 4.42
C ASP A 57 10.18 -11.86 5.16
N ALA A 58 11.01 -12.48 6.00
CA ALA A 58 10.65 -13.74 6.64
C ALA A 58 10.16 -13.45 8.06
N ASN A 59 8.98 -12.83 8.12
CA ASN A 59 8.37 -12.46 9.40
C ASN A 59 9.32 -11.59 10.24
N ALA A 60 10.09 -10.73 9.56
CA ALA A 60 11.09 -9.91 10.22
C ALA A 60 10.50 -8.67 10.87
N LYS A 61 9.48 -8.08 10.24
CA LYS A 61 8.85 -6.83 10.67
C LYS A 61 7.36 -6.91 10.30
N CYS A 62 6.51 -6.27 11.09
CA CYS A 62 5.06 -6.31 10.91
C CYS A 62 4.47 -4.94 11.15
N VAL A 63 3.58 -4.49 10.25
CA VAL A 63 2.97 -3.18 10.35
C VAL A 63 1.45 -3.31 10.22
N LEU A 64 0.73 -2.73 11.19
CA LEU A 64 -0.74 -2.69 11.17
C LEU A 64 -1.21 -1.33 10.71
N SER A 65 -2.23 -1.28 9.85
CA SER A 65 -2.68 0.02 9.36
C SER A 65 -4.18 0.05 9.09
N LEU A 66 -4.78 1.20 9.36
CA LEU A 66 -6.14 1.49 8.94
C LEU A 66 -6.08 2.65 7.96
N LYS A 67 -6.61 2.45 6.75
CA LYS A 67 -6.62 3.50 5.74
C LYS A 67 -8.05 3.77 5.31
N SER A 68 -8.43 5.05 5.26
CA SER A 68 -9.83 5.44 5.15
C SER A 68 -10.04 6.52 4.10
N ARG A 69 -11.13 6.38 3.36
CA ARG A 69 -11.62 7.32 2.35
C ARG A 69 -10.51 7.81 1.43
N PRO A 70 -9.94 6.95 0.59
CA PRO A 70 -8.89 7.41 -0.33
C PRO A 70 -9.46 8.23 -1.48
N LYS A 71 -8.64 9.16 -1.97
CA LYS A 71 -8.94 9.93 -3.17
C LYS A 71 -7.74 9.87 -4.11
N LEU A 72 -8.02 9.86 -5.41
CA LEU A 72 -6.97 9.69 -6.41
C LEU A 72 -7.37 10.44 -7.66
N SER A 73 -6.49 11.34 -8.13
CA SER A 73 -6.80 12.19 -9.27
C SER A 73 -5.50 12.70 -9.88
N GLU A 74 -5.34 12.53 -11.19
CA GLU A 74 -4.24 13.14 -11.94
C GLU A 74 -2.88 12.74 -11.37
N GLY A 75 -2.77 11.50 -10.90
CA GLY A 75 -1.54 10.99 -10.34
C GLY A 75 -1.30 11.33 -8.88
N VAL A 76 -2.21 12.06 -8.24
CA VAL A 76 -2.01 12.51 -6.87
C VAL A 76 -2.97 11.76 -5.96
N SER A 77 -2.44 11.19 -4.89
CA SER A 77 -3.22 10.45 -3.91
C SER A 77 -3.29 11.22 -2.59
N HIS A 78 -4.48 11.24 -1.99
CA HIS A 78 -4.69 11.68 -0.60
C HIS A 78 -5.42 10.56 0.13
N VAL A 79 -4.97 10.20 1.33
CA VAL A 79 -5.68 9.18 2.11
C VAL A 79 -5.46 9.42 3.59
N GLU A 80 -6.49 9.14 4.39
CA GLU A 80 -6.39 9.16 5.85
C GLU A 80 -5.88 7.81 6.32
N GLU A 81 -4.78 7.80 7.06
CA GLU A 81 -4.18 6.55 7.50
CA GLU A 81 -4.22 6.54 7.52
C GLU A 81 -3.70 6.68 8.94
N ASP A 82 -3.64 5.54 9.62
CA ASP A 82 -3.04 5.45 10.94
C ASP A 82 -2.37 4.09 10.96
N GLU A 83 -1.07 4.04 11.21
CA GLU A 83 -0.38 2.75 11.21
C GLU A 83 0.70 2.71 12.27
N GLU A 84 1.11 1.48 12.59
CA GLU A 84 2.05 1.26 13.70
C GLU A 84 2.64 -0.13 13.56
N GLU A 85 3.92 -0.23 13.88
CA GLU A 85 4.58 -1.52 13.88
CA GLU A 85 4.60 -1.52 13.89
C GLU A 85 4.10 -2.35 15.07
N ILE A 86 3.92 -3.66 14.84
CA ILE A 86 3.49 -4.58 15.90
C ILE A 86 4.39 -5.81 15.90
N ASP A 87 4.24 -6.61 16.96
CA ASP A 87 5.04 -7.84 17.09
C ASP A 87 4.59 -8.81 15.98
N PRO A 88 5.50 -9.23 15.09
CA PRO A 88 5.05 -10.14 14.00
C PRO A 88 4.38 -11.38 14.52
N GLN A 89 4.75 -11.84 15.71
CA GLN A 89 4.10 -13.03 16.24
C GLN A 89 2.61 -12.77 16.44
N ILE A 90 2.25 -11.57 16.90
CA ILE A 90 0.85 -11.24 17.11
C ILE A 90 0.14 -11.10 15.76
N GLY A 91 0.78 -10.40 14.80
CA GLY A 91 0.23 -10.35 13.45
C GLY A 91 -0.10 -11.71 12.89
N GLN A 92 0.77 -12.69 13.13
CA GLN A 92 0.52 -14.05 12.65
C GLN A 92 -0.62 -14.71 13.43
N GLU A 93 -0.70 -14.47 14.74
CA GLU A 93 -1.81 -15.02 15.53
C GLU A 93 -3.14 -14.46 15.07
N VAL A 94 -3.16 -13.16 14.74
CA VAL A 94 -4.36 -12.56 14.16
C VAL A 94 -4.72 -13.25 12.86
N THR A 95 -3.72 -13.48 12.00
CA THR A 95 -4.00 -14.16 10.74
C THR A 95 -4.58 -15.55 10.99
N ALA A 96 -4.06 -16.26 11.99
CA ALA A 96 -4.51 -17.64 12.23
C ALA A 96 -5.93 -17.69 12.78
N ASN A 97 -6.30 -16.75 13.65
CA ASN A 97 -7.62 -16.72 14.26
C ASN A 97 -8.16 -15.30 14.29
N PRO A 98 -8.65 -14.80 13.16
CA PRO A 98 -9.09 -13.39 13.13
C PRO A 98 -10.30 -13.12 14.00
N SER A 99 -11.03 -14.16 14.44
CA SER A 99 -12.12 -13.96 15.39
C SER A 99 -11.63 -13.61 16.80
N LYS A 100 -10.31 -13.66 17.03
CA LYS A 100 -9.72 -13.24 18.29
C LYS A 100 -9.06 -11.87 18.17
N MET A 101 -9.31 -11.16 17.08
CA MET A 101 -8.56 -9.94 16.76
C MET A 101 -8.69 -8.90 17.86
N GLY A 102 -9.90 -8.76 18.42
CA GLY A 102 -10.11 -7.72 19.42
C GLY A 102 -9.35 -7.96 20.70
N SER A 103 -9.23 -9.22 21.11
CA SER A 103 -8.41 -9.49 22.28
C SER A 103 -6.92 -9.44 21.94
N LEU A 104 -6.54 -9.90 20.75
CA LEU A 104 -5.14 -9.91 20.39
C LEU A 104 -4.61 -8.48 20.20
N LEU A 105 -5.42 -7.59 19.62
CA LEU A 105 -5.01 -6.22 19.34
C LEU A 105 -5.58 -5.22 20.34
N GLU A 106 -5.97 -5.65 21.54
CA GLU A 106 -6.74 -4.80 22.44
C GLU A 106 -6.01 -3.51 22.81
N LYS A 107 -4.69 -3.54 22.88
CA LYS A 107 -3.93 -2.35 23.28
C LYS A 107 -3.55 -1.46 22.10
N SER A 108 -3.94 -1.81 20.89
CA SER A 108 -3.50 -1.04 19.72
C SER A 108 -4.36 0.22 19.55
N ARG A 109 -3.68 1.34 19.33
CA ARG A 109 -4.34 2.56 18.88
C ARG A 109 -5.17 2.30 17.62
N ILE A 110 -4.67 1.45 16.73
CA ILE A 110 -5.34 1.24 15.45
CA ILE A 110 -5.32 1.21 15.45
C ILE A 110 -6.60 0.39 15.65
N TRP A 111 -6.50 -0.70 16.41
CA TRP A 111 -7.71 -1.44 16.74
C TRP A 111 -8.71 -0.56 17.48
N ARG A 112 -8.22 0.29 18.40
CA ARG A 112 -9.11 1.21 19.08
C ARG A 112 -9.85 2.10 18.09
N ARG A 113 -9.17 2.53 17.02
CA ARG A 113 -9.81 3.41 16.05
C ARG A 113 -10.85 2.65 15.21
N VAL A 114 -10.55 1.39 14.87
CA VAL A 114 -11.54 0.55 14.18
C VAL A 114 -12.83 0.53 14.98
N VAL A 115 -12.73 0.32 16.30
CA VAL A 115 -13.92 0.21 17.14
C VAL A 115 -14.63 1.55 17.25
N ASP A 116 -13.88 2.61 17.59
CA ASP A 116 -14.47 3.90 17.95
C ASP A 116 -15.15 4.59 16.77
N GLU A 117 -14.79 4.23 15.53
CA GLU A 117 -15.31 4.92 14.36
C GLU A 117 -16.15 4.04 13.45
N ILE A 118 -16.21 2.73 13.71
CA ILE A 118 -17.02 1.84 12.89
C ILE A 118 -17.98 1.04 13.77
N GLY A 119 -17.79 1.12 15.09
CA GLY A 119 -18.74 0.50 16.01
C GLY A 119 -18.75 -1.02 16.00
N VAL A 120 -17.71 -1.64 15.45
CA VAL A 120 -17.63 -3.10 15.45
C VAL A 120 -17.60 -3.61 16.88
N ALA A 121 -18.06 -4.84 17.07
CA ALA A 121 -18.01 -5.48 18.38
C ALA A 121 -16.58 -5.48 18.90
N ASP A 122 -16.41 -5.11 20.17
CA ASP A 122 -15.08 -4.85 20.70
C ASP A 122 -14.19 -6.09 20.69
N ASP A 123 -14.79 -7.28 20.77
CA ASP A 123 -14.01 -8.51 20.84
C ASP A 123 -13.55 -9.04 19.47
N GLY A 124 -14.14 -8.55 18.38
CA GLY A 124 -13.68 -8.91 17.06
C GLY A 124 -14.08 -10.29 16.56
N GLY A 125 -15.03 -10.96 17.21
CA GLY A 125 -15.47 -12.27 16.77
C GLY A 125 -16.06 -12.29 15.36
N GLU A 126 -16.33 -11.12 14.81
CA GLU A 126 -16.93 -10.94 13.49
C GLU A 126 -15.89 -10.89 12.37
N PHE A 127 -14.62 -10.69 12.69
CA PHE A 127 -13.65 -10.40 11.65
C PHE A 127 -13.18 -11.66 10.94
N VAL A 128 -12.89 -11.49 9.64
CA VAL A 128 -12.41 -12.54 8.75
C VAL A 128 -11.28 -11.96 7.91
N CYS A 129 -10.43 -12.85 7.38
CA CYS A 129 -9.36 -12.45 6.48
C CYS A 129 -9.86 -12.41 5.05
N LEU A 130 -9.56 -11.32 4.34
CA LEU A 130 -9.93 -11.16 2.94
C LEU A 130 -8.91 -11.76 1.98
N GLY A 131 -7.79 -12.27 2.49
CA GLY A 131 -6.68 -12.68 1.67
C GLY A 131 -5.65 -11.57 1.53
N GLY A 132 -4.84 -11.67 0.50
CA GLY A 132 -3.82 -10.66 0.30
C GLY A 132 -2.97 -10.91 -0.92
N PHE A 133 -1.81 -10.25 -0.95
CA PHE A 133 -0.93 -10.31 -2.11
C PHE A 133 0.48 -9.93 -1.67
N ARG A 134 1.43 -10.15 -2.58
CA ARG A 134 2.86 -9.98 -2.35
CA ARG A 134 2.86 -10.00 -2.37
C ARG A 134 3.36 -8.77 -3.13
N ASN A 135 4.41 -8.13 -2.62
CA ASN A 135 4.96 -6.97 -3.30
C ASN A 135 6.45 -6.84 -2.99
N VAL A 136 7.25 -6.62 -4.03
CA VAL A 136 8.67 -6.33 -3.91
C VAL A 136 8.84 -4.82 -4.05
N ARG A 137 9.43 -4.18 -3.05
CA ARG A 137 9.56 -2.73 -3.02
C ARG A 137 11.04 -2.36 -2.93
N ALA A 138 11.51 -1.61 -3.91
CA ALA A 138 12.85 -1.06 -3.96
C ALA A 138 12.76 0.43 -3.64
N VAL A 139 13.56 0.89 -2.67
CA VAL A 139 13.46 2.24 -2.14
C VAL A 139 14.69 3.03 -2.56
N TYR A 140 14.48 4.29 -2.93
CA TYR A 140 15.52 5.18 -3.43
C TYR A 140 15.42 6.53 -2.74
N ARG A 141 16.56 7.10 -2.36
CA ARG A 141 16.64 8.50 -1.94
C ARG A 141 17.13 9.32 -3.13
N TRP A 142 16.27 10.19 -3.67
CA TRP A 142 16.47 10.90 -4.92
C TRP A 142 16.81 12.38 -4.64
N VAL A 143 16.62 13.25 -5.64
CA VAL A 143 16.93 14.68 -5.46
C VAL A 143 16.12 15.26 -4.29
N GLU A 144 16.75 16.20 -3.58
CA GLU A 144 16.18 16.86 -2.41
C GLU A 144 15.74 15.88 -1.32
N GLY A 145 16.39 14.72 -1.26
CA GLY A 145 16.04 13.72 -0.28
C GLY A 145 14.71 13.04 -0.50
N LEU A 146 14.02 13.34 -1.59
CA LEU A 146 12.77 12.64 -1.91
C LEU A 146 12.99 11.15 -1.97
N ILE A 147 12.03 10.40 -1.44
CA ILE A 147 12.07 8.94 -1.36
C ILE A 147 11.16 8.39 -2.45
N LEU A 148 11.73 7.62 -3.37
CA LEU A 148 10.97 6.93 -4.42
C LEU A 148 10.82 5.46 -4.07
N GLU A 149 9.62 4.91 -4.28
CA GLU A 149 9.35 3.51 -4.04
CA GLU A 149 9.33 3.51 -4.04
C GLU A 149 8.87 2.88 -5.33
N LEU A 150 9.63 1.92 -5.84
CA LEU A 150 9.35 1.22 -7.10
C LEU A 150 8.85 -0.17 -6.74
N ASP A 151 7.61 -0.46 -7.10
CA ASP A 151 6.92 -1.65 -6.63
C ASP A 151 6.73 -2.66 -7.76
N GLU A 152 6.86 -3.94 -7.43
CA GLU A 152 6.51 -5.04 -8.31
C GLU A 152 5.48 -5.86 -7.54
N THR A 153 4.22 -5.77 -7.97
CA THR A 153 3.07 -6.23 -7.18
C THR A 153 2.49 -7.47 -7.84
N GLU A 154 2.59 -8.60 -7.15
CA GLU A 154 2.14 -9.89 -7.66
C GLU A 154 0.80 -10.17 -7.00
N TYR A 155 -0.27 -9.97 -7.75
CA TYR A 155 -1.58 -10.42 -7.31
C TYR A 155 -1.76 -11.85 -7.79
N GLY A 156 -2.82 -12.50 -7.31
CA GLY A 156 -3.11 -13.82 -7.82
C GLY A 156 -3.26 -13.84 -9.32
N PHE A 157 -3.74 -12.74 -9.90
CA PHE A 157 -4.25 -12.71 -11.26
C PHE A 157 -3.35 -11.94 -12.23
N GLY A 158 -2.25 -11.35 -11.76
CA GLY A 158 -1.38 -10.62 -12.66
C GLY A 158 -0.40 -9.80 -11.85
N THR A 159 0.52 -9.15 -12.57
CA THR A 159 1.58 -8.34 -11.99
C THR A 159 1.42 -6.90 -12.46
N SER A 160 1.63 -5.95 -11.54
CA SER A 160 1.66 -4.54 -11.91
C SER A 160 2.92 -3.90 -11.35
N TYR A 161 3.32 -2.77 -11.94
CA TYR A 161 4.52 -2.05 -11.55
C TYR A 161 4.15 -0.59 -11.32
N GLU A 162 4.61 -0.01 -10.22
CA GLU A 162 4.34 1.39 -9.96
C GLU A 162 5.59 2.05 -9.42
N ILE A 163 5.63 3.37 -9.54
CA ILE A 163 6.56 4.18 -8.78
C ILE A 163 5.79 5.26 -8.03
N GLU A 164 6.18 5.52 -6.77
CA GLU A 164 5.42 6.40 -5.89
C GLU A 164 6.37 7.25 -5.08
N CYS A 165 5.86 8.41 -4.64
CA CYS A 165 6.65 9.39 -3.89
C CYS A 165 5.74 10.16 -2.92
N GLU A 166 6.02 10.03 -1.62
CA GLU A 166 5.30 10.78 -0.60
C GLU A 166 5.92 12.18 -0.50
N THR A 167 5.07 13.20 -0.49
CA THR A 167 5.58 14.56 -0.52
C THR A 167 4.54 15.51 0.07
N THR A 168 5.02 16.66 0.52
CA THR A 168 4.14 17.75 0.91
C THR A 168 3.91 18.74 -0.22
N GLU A 169 4.60 18.55 -1.36
CA GLU A 169 4.47 19.42 -2.52
C GLU A 169 4.06 18.60 -3.75
N PRO A 170 2.82 18.09 -3.77
CA PRO A 170 2.46 17.14 -4.86
C PRO A 170 2.59 17.71 -6.26
N GLU A 171 2.17 18.94 -6.51
CA GLU A 171 2.21 19.43 -7.89
C GLU A 171 3.64 19.61 -8.39
N ARG A 172 4.54 20.12 -7.54
CA ARG A 172 5.88 20.37 -8.05
C ARG A 172 6.70 19.07 -8.13
N VAL A 173 6.54 18.16 -7.18
CA VAL A 173 7.32 16.92 -7.23
C VAL A 173 6.85 16.06 -8.39
N LYS A 174 5.54 16.03 -8.63
CA LYS A 174 5.03 15.25 -9.75
C LYS A 174 5.60 15.77 -11.06
N GLY A 175 5.77 17.09 -11.19
CA GLY A 175 6.47 17.64 -12.34
C GLY A 175 7.91 17.15 -12.44
N LEU A 176 8.64 17.20 -11.33
CA LEU A 176 9.98 16.62 -11.27
C LEU A 176 9.99 15.16 -11.72
N LEU A 177 9.09 14.35 -11.15
CA LEU A 177 9.11 12.92 -11.41
C LEU A 177 8.74 12.63 -12.86
N GLU A 178 7.69 13.26 -13.37
CA GLU A 178 7.35 13.09 -14.78
C GLU A 178 8.50 13.53 -15.69
N GLY A 179 9.15 14.65 -15.37
CA GLY A 179 10.26 15.12 -16.18
C GLY A 179 11.42 14.13 -16.24
N PHE A 180 11.67 13.43 -15.14
CA PHE A 180 12.76 12.44 -15.11
C PHE A 180 12.39 11.20 -15.91
N LEU A 181 11.14 10.75 -15.81
CA LEU A 181 10.74 9.58 -16.59
C LEU A 181 10.79 9.87 -18.09
N LYS A 182 10.43 11.09 -18.49
CA LYS A 182 10.50 11.45 -19.91
C LYS A 182 11.94 11.45 -20.39
N GLU A 183 12.82 12.11 -19.64
CA GLU A 183 14.21 12.23 -20.06
C GLU A 183 14.90 10.86 -20.12
N LYS A 184 14.50 9.92 -19.26
CA LYS A 184 15.04 8.57 -19.32
C LYS A 184 14.25 7.64 -20.26
N GLY A 185 13.18 8.10 -20.90
CA GLY A 185 12.47 7.26 -21.85
C GLY A 185 11.62 6.15 -21.26
N ILE A 186 11.00 6.40 -20.11
CA ILE A 186 10.24 5.40 -19.37
C ILE A 186 8.74 5.71 -19.57
N PRO A 187 8.01 4.89 -20.31
CA PRO A 187 6.57 5.08 -20.41
C PRO A 187 5.91 4.99 -19.05
N TYR A 188 4.83 5.75 -18.87
CA TYR A 188 4.13 5.74 -17.60
C TYR A 188 2.75 6.32 -17.82
N GLU A 189 1.84 6.01 -16.89
CA GLU A 189 0.59 6.74 -16.77
C GLU A 189 0.31 6.97 -15.29
N TYR A 190 -0.62 7.88 -15.01
CA TYR A 190 -1.08 8.06 -13.64
C TYR A 190 -1.80 6.81 -13.17
N SER A 191 -1.51 6.36 -11.95
CA SER A 191 -2.22 5.23 -11.36
C SER A 191 -3.69 5.57 -11.20
N GLY A 192 -4.56 4.68 -11.62
CA GLY A 192 -5.99 4.96 -11.55
C GLY A 192 -6.69 4.33 -10.38
N ALA A 193 -5.98 3.50 -9.60
CA ALA A 193 -6.55 2.81 -8.46
C ALA A 193 -5.43 2.31 -7.55
N SER A 194 -5.73 2.20 -6.26
CA SER A 194 -4.77 1.70 -5.26
C SER A 194 -4.55 0.20 -5.43
N LYS A 195 -3.50 -0.33 -4.77
CA LYS A 195 -3.33 -1.78 -4.80
C LYS A 195 -4.48 -2.50 -4.11
N PHE A 196 -5.03 -1.89 -3.06
CA PHE A 196 -6.15 -2.54 -2.36
C PHE A 196 -7.35 -2.66 -3.29
N ALA A 197 -7.69 -1.57 -3.98
CA ALA A 197 -8.80 -1.58 -4.91
C ALA A 197 -8.59 -2.62 -6.00
N VAL A 198 -7.37 -2.71 -6.54
CA VAL A 198 -7.08 -3.68 -7.59
C VAL A 198 -7.22 -5.11 -7.04
N PHE A 199 -6.69 -5.34 -5.84
CA PHE A 199 -6.86 -6.64 -5.19
C PHE A 199 -8.32 -7.03 -5.13
N ARG A 200 -9.16 -6.18 -4.53
CA ARG A 200 -10.58 -6.51 -4.37
C ARG A 200 -11.27 -6.68 -5.70
N SER A 201 -10.86 -5.92 -6.73
CA SER A 201 -11.50 -6.04 -8.03
C SER A 201 -11.21 -7.37 -8.70
N GLY A 202 -10.10 -8.01 -8.35
CA GLY A 202 -9.79 -9.31 -8.92
C GLY A 202 -9.27 -9.29 -10.33
N LYS A 203 -8.94 -8.12 -10.89
CA LYS A 203 -8.34 -8.07 -12.21
C LYS A 203 -7.57 -6.77 -12.34
N LEU A 204 -6.68 -6.74 -13.32
CA LEU A 204 -5.82 -5.59 -13.54
C LEU A 204 -6.57 -4.50 -14.30
N LEU A 205 -6.50 -3.27 -13.79
CA LEU A 205 -7.02 -2.09 -14.47
C LEU A 205 -6.55 -2.10 -15.94
N PRO A 206 -7.35 -1.60 -16.88
CA PRO A 206 -7.14 -1.97 -18.29
C PRO A 206 -5.84 -1.45 -18.89
N LEU A 207 -5.03 -0.72 -18.13
CA LEU A 207 -3.72 -0.25 -18.60
C LEU A 207 -3.87 0.74 -19.76
N GLU A 208 -4.83 1.66 -19.65
CA GLU A 208 -5.17 2.59 -20.73
C GLU A 208 -4.06 3.62 -20.87
N HIS A 209 -2.99 3.24 -21.57
CA HIS A 209 -1.89 4.13 -21.91
C HIS A 209 -1.90 4.42 -23.40
N HIS A 210 -2.21 5.65 -23.77
CA HIS A 210 -2.01 6.20 -25.13
C HIS A 210 -2.61 7.60 -25.25
PG GCP B . 0.66 2.09 -1.66
O1G GCP B . 0.60 2.75 -3.00
O2G GCP B . 1.26 0.70 -1.78
O3G GCP B . -0.73 2.00 -1.08
C3B GCP B . 1.72 3.09 -0.57
PB GCP B . 1.74 2.32 1.11
O1B GCP B . 0.39 1.79 1.51
O2B GCP B . 2.80 1.25 1.20
O3A GCP B . 2.13 3.55 2.13
PA GCP B . 2.57 3.20 3.68
O1A GCP B . 1.88 4.21 4.56
O2A GCP B . 2.05 1.80 4.00
O5' GCP B . 4.25 3.22 3.83
C5' GCP B . 5.02 3.75 2.76
C4' GCP B . 4.78 5.31 2.61
O4' GCP B . 4.80 6.10 3.95
C3' GCP B . 5.73 5.82 1.92
O3' GCP B . 5.20 6.77 0.96
C2' GCP B . 6.81 6.51 2.99
O2' GCP B . 7.37 7.79 2.49
C1' GCP B . 6.26 6.64 4.13
N9 GCP B . 7.01 5.82 5.16
C8 GCP B . 6.61 4.59 5.48
N7 GCP B . 7.44 4.08 6.41
C5 GCP B . 8.37 5.02 6.67
C6 GCP B . 9.46 5.03 7.54
O6 GCP B . 9.69 4.09 8.22
N1 GCP B . 10.25 6.10 7.60
C2 GCP B . 9.98 7.19 6.83
N2 GCP B . 10.91 8.31 6.98
N3 GCP B . 8.92 7.18 5.97
C4 GCP B . 8.11 6.09 5.90
MG MG C . 0.38 5.93 3.05
MG MG D . -0.47 3.69 5.85
CL CL E . 10.71 -1.55 1.93
CL CL F . -2.16 -2.08 -0.02
CL CL G . 10.27 -0.09 -22.15
C1 EDO H . -0.82 1.58 -18.18
O1 EDO H . -0.49 0.21 -17.91
C2 EDO H . 0.06 2.48 -17.33
O2 EDO H . 1.42 2.39 -17.77
C1 EDO I . 1.32 21.98 -4.84
O1 EDO I . 0.44 21.09 -4.14
C2 EDO I . 2.75 21.62 -4.50
O2 EDO I . 3.68 22.07 -5.49
#